data_4ETX
#
_entry.id   4ETX
#
_cell.length_a   60.290
_cell.length_b   42.440
_cell.length_c   60.470
_cell.angle_alpha   90.000
_cell.angle_beta   112.780
_cell.angle_gamma   90.000
#
_symmetry.space_group_name_H-M   'P 1 21 1'
#
loop_
_entity.id
_entity.type
_entity.pdbx_description
1 polymer PelD
2 water water
#
_entity_poly.entity_id   1
_entity_poly.type   'polypeptide(L)'
_entity_poly.pdbx_seq_one_letter_code
;GNDQSLRSSLLGLRQLLRELPGDEAPLDALAETVLALLAQYGSLRIAGLYRVRYDRTPEPQPLATLGEMPALDADDLLVR
TCLERGELVSVRQELLERGEQRAHSALQVCVPLVDTDGRILALLAVEQMPFFVFNERTFSLLAILAGHIADLLQSDRRAL
QLADIDAQRFSQYLKRSLLDARDHGLPACLYAFELTDARYGEEVQRLLEGSQRGLDVQLRLRNDEGRRVLLVLLPLTSAE
GSQGYLQRLRILFAERFGQARELESLGVRIRQYELDAGNDRQALGHFLFNECGLNDQQVA
;
_entity_poly.pdbx_strand_id   A
#
# COMPACT_ATOMS: atom_id res chain seq x y z
N GLY A 1 -11.26 3.44 -9.94
CA GLY A 1 -11.69 2.49 -11.03
C GLY A 1 -10.97 1.18 -10.82
N ASN A 2 -9.76 1.09 -11.37
CA ASN A 2 -8.84 0.02 -10.99
C ASN A 2 -8.38 0.20 -9.56
N ASP A 3 -8.20 1.47 -9.17
CA ASP A 3 -7.77 1.82 -7.82
C ASP A 3 -8.73 1.28 -6.74
N GLN A 4 -10.04 1.37 -6.93
CA GLN A 4 -10.97 0.87 -5.90
C GLN A 4 -11.00 -0.65 -5.74
N SER A 5 -10.78 -1.39 -6.83
CA SER A 5 -10.65 -2.85 -6.76
C SER A 5 -9.50 -3.20 -5.83
N LEU A 6 -8.34 -2.60 -6.08
CA LEU A 6 -7.11 -2.83 -5.32
C LEU A 6 -7.32 -2.49 -3.85
N ARG A 7 -7.87 -1.29 -3.61
CA ARG A 7 -8.17 -0.83 -2.26
C ARG A 7 -9.12 -1.81 -1.55
N SER A 8 -10.18 -2.21 -2.23
CA SER A 8 -11.15 -3.21 -1.72
C SER A 8 -10.51 -4.56 -1.35
N SER A 9 -9.65 -5.07 -2.23
CA SER A 9 -8.90 -6.29 -1.94
C SER A 9 -8.05 -6.15 -0.66
N LEU A 10 -7.33 -5.03 -0.59
CA LEU A 10 -6.45 -4.76 0.55
C LEU A 10 -7.23 -4.55 1.85
N LEU A 11 -8.40 -3.90 1.75
CA LEU A 11 -9.24 -3.72 2.92
C LEU A 11 -9.79 -5.05 3.44
N GLY A 12 -10.20 -5.93 2.51
CA GLY A 12 -10.58 -7.32 2.82
C GLY A 12 -9.50 -8.10 3.56
N LEU A 13 -8.27 -8.06 3.03
CA LEU A 13 -7.12 -8.65 3.70
C LEU A 13 -6.85 -8.07 5.09
N ARG A 14 -6.88 -6.74 5.23
CA ARG A 14 -6.67 -6.09 6.52
C ARG A 14 -7.71 -6.55 7.55
N GLN A 15 -8.94 -6.74 7.09
CA GLN A 15 -10.02 -7.20 7.96
C GLN A 15 -9.75 -8.60 8.55
N LEU A 16 -9.32 -9.52 7.68
CA LEU A 16 -8.98 -10.88 8.07
C LEU A 16 -7.82 -10.89 9.07
N LEU A 17 -6.83 -10.05 8.77
CA LEU A 17 -5.67 -9.87 9.63
C LEU A 17 -6.10 -9.39 11.01
N ARG A 18 -6.96 -8.38 11.04
CA ARG A 18 -7.43 -7.80 12.30
C ARG A 18 -8.21 -8.82 13.13
N GLU A 19 -8.92 -9.74 12.47
CA GLU A 19 -9.72 -10.78 13.15
C GLU A 19 -8.94 -12.04 13.57
N LEU A 20 -7.65 -12.10 13.22
CA LEU A 20 -6.81 -13.27 13.46
C LEU A 20 -6.56 -13.47 14.97
N PRO A 21 -6.65 -14.73 15.46
CA PRO A 21 -6.56 -15.00 16.90
C PRO A 21 -5.51 -14.17 17.65
N GLY A 22 -4.23 -14.37 17.33
CA GLY A 22 -3.16 -13.64 18.03
C GLY A 22 -1.97 -14.52 18.38
N ASP A 23 -2.23 -15.82 18.46
CA ASP A 23 -1.18 -16.82 18.61
C ASP A 23 -0.74 -17.29 17.23
N GLU A 24 -1.41 -16.78 16.19
CA GLU A 24 -1.26 -17.28 14.82
C GLU A 24 -0.38 -16.36 13.98
N ALA A 25 0.63 -16.95 13.34
CA ALA A 25 1.51 -16.22 12.44
C ALA A 25 0.73 -15.83 11.18
N PRO A 26 0.63 -14.52 10.89
CA PRO A 26 -0.23 -14.04 9.82
C PRO A 26 0.12 -14.62 8.46
N LEU A 27 1.42 -14.73 8.17
CA LEU A 27 1.87 -15.29 6.91
C LEU A 27 1.45 -16.76 6.78
N ASP A 28 1.51 -17.52 7.87
CA ASP A 28 1.01 -18.90 7.88
C ASP A 28 -0.50 -18.96 7.76
N ALA A 29 -1.18 -18.16 8.59
CA ALA A 29 -2.64 -18.17 8.66
C ALA A 29 -3.34 -17.72 7.36
N LEU A 30 -2.84 -16.68 6.73
CA LEU A 30 -3.54 -16.13 5.57
C LEU A 30 -2.89 -16.43 4.22
N ALA A 31 -1.96 -17.39 4.20
CA ALA A 31 -1.16 -17.70 2.99
C ALA A 31 -2.02 -17.97 1.77
N GLU A 32 -3.03 -18.83 1.91
CA GLU A 32 -3.93 -19.14 0.80
C GLU A 32 -4.66 -17.89 0.31
N THR A 33 -5.08 -17.03 1.24
CA THR A 33 -5.71 -15.75 0.87
C THR A 33 -4.76 -14.84 0.07
N VAL A 34 -3.50 -14.79 0.51
CA VAL A 34 -2.48 -13.98 -0.15
C VAL A 34 -2.18 -14.50 -1.56
N LEU A 35 -2.02 -15.81 -1.67
CA LEU A 35 -1.83 -16.44 -2.96
C LEU A 35 -3.03 -16.23 -3.90
N ALA A 36 -4.25 -16.44 -3.39
CA ALA A 36 -5.45 -16.16 -4.18
C ALA A 36 -5.47 -14.70 -4.69
N LEU A 37 -5.14 -13.74 -3.84
CA LEU A 37 -5.18 -12.34 -4.24
C LEU A 37 -4.17 -12.08 -5.36
N LEU A 38 -2.94 -12.58 -5.18
CA LEU A 38 -1.90 -12.49 -6.20
C LEU A 38 -2.28 -13.17 -7.53
N ALA A 39 -2.93 -14.33 -7.41
CA ALA A 39 -3.39 -15.09 -8.56
C ALA A 39 -4.46 -14.34 -9.34
N GLN A 40 -5.35 -13.66 -8.63
CA GLN A 40 -6.46 -12.95 -9.25
C GLN A 40 -5.92 -11.76 -10.05
N TYR A 41 -4.97 -11.01 -9.47
CA TYR A 41 -4.38 -9.85 -10.14
C TYR A 41 -3.41 -10.16 -11.28
N GLY A 42 -2.72 -11.30 -11.20
CA GLY A 42 -1.81 -11.68 -12.27
C GLY A 42 -2.34 -12.74 -13.19
N SER A 43 -3.65 -13.03 -13.12
CA SER A 43 -4.26 -14.15 -13.85
C SER A 43 -3.36 -15.40 -13.82
N LEU A 44 -2.85 -15.74 -12.65
CA LEU A 44 -1.89 -16.84 -12.53
C LEU A 44 -2.63 -18.18 -12.59
N ARG A 45 -2.00 -19.18 -13.19
CA ARG A 45 -2.58 -20.54 -13.27
C ARG A 45 -1.89 -21.53 -12.32
N ILE A 46 -0.57 -21.50 -12.29
CA ILE A 46 0.21 -22.40 -11.45
C ILE A 46 1.27 -21.60 -10.70
N ALA A 47 1.16 -21.56 -9.38
CA ALA A 47 2.08 -20.73 -8.57
C ALA A 47 2.28 -21.24 -7.15
N GLY A 48 3.29 -20.69 -6.47
CA GLY A 48 3.56 -20.96 -5.05
C GLY A 48 3.97 -19.75 -4.20
N LEU A 49 3.57 -19.76 -2.94
CA LEU A 49 4.02 -18.75 -1.96
C LEU A 49 4.96 -19.35 -0.91
N TYR A 50 6.13 -18.72 -0.74
CA TYR A 50 7.15 -19.28 0.17
C TYR A 50 7.57 -18.27 1.22
N ARG A 51 7.77 -18.73 2.45
CA ARG A 51 8.33 -17.89 3.50
C ARG A 51 9.78 -17.57 3.15
N VAL A 52 10.21 -16.37 3.47
CA VAL A 52 11.60 -16.00 3.27
C VAL A 52 12.22 -15.73 4.64
N ARG A 53 13.31 -16.45 4.91
CA ARG A 53 14.04 -16.33 6.17
C ARG A 53 14.78 -14.99 6.28
N TYR A 54 15.28 -14.70 7.47
CA TYR A 54 15.96 -13.42 7.75
C TYR A 54 17.24 -13.19 6.90
N ASP A 55 17.82 -14.27 6.36
CA ASP A 55 19.01 -14.16 5.50
C ASP A 55 18.74 -14.17 3.98
N ARG A 56 17.47 -13.98 3.59
CA ARG A 56 17.03 -13.94 2.16
C ARG A 56 17.04 -15.30 1.44
N THR A 57 16.88 -16.38 2.20
CA THR A 57 16.73 -17.70 1.63
C THR A 57 15.27 -18.13 1.82
N PRO A 58 14.72 -18.91 0.86
CA PRO A 58 13.35 -19.37 0.98
C PRO A 58 13.22 -20.72 1.67
N GLU A 59 12.12 -20.93 2.38
CA GLU A 59 11.78 -22.25 2.94
C GLU A 59 11.07 -23.00 1.82
N PRO A 60 11.62 -24.16 1.44
CA PRO A 60 11.19 -24.93 0.25
C PRO A 60 9.75 -25.41 0.29
N GLN A 61 9.25 -25.74 1.48
CA GLN A 61 7.90 -26.21 1.64
C GLN A 61 6.94 -25.03 1.53
N PRO A 62 6.06 -25.05 0.52
CA PRO A 62 5.17 -23.92 0.26
C PRO A 62 4.12 -23.68 1.36
N LEU A 63 3.94 -22.41 1.72
CA LEU A 63 2.85 -21.98 2.55
C LEU A 63 1.52 -22.23 1.84
N ALA A 64 1.51 -22.02 0.53
CA ALA A 64 0.33 -22.29 -0.28
C ALA A 64 0.72 -22.55 -1.74
N THR A 65 -0.15 -23.24 -2.49
CA THR A 65 0.06 -23.47 -3.91
C THR A 65 -1.23 -23.22 -4.69
N LEU A 66 -1.07 -23.00 -5.99
CA LEU A 66 -2.19 -22.83 -6.92
C LEU A 66 -1.91 -23.73 -8.12
N GLY A 67 -2.94 -24.48 -8.52
CA GLY A 67 -2.83 -25.37 -9.65
C GLY A 67 -1.89 -26.51 -9.34
N GLU A 68 -1.22 -27.01 -10.37
CA GLU A 68 -0.32 -28.14 -10.22
C GLU A 68 1.11 -27.67 -9.99
N MET A 69 1.32 -26.93 -8.91
CA MET A 69 2.66 -26.45 -8.57
C MET A 69 3.64 -27.58 -8.28
N PRO A 70 4.78 -27.57 -8.99
CA PRO A 70 5.83 -28.53 -8.74
C PRO A 70 6.48 -28.21 -7.40
N ALA A 71 7.28 -29.14 -6.87
CA ALA A 71 8.24 -28.83 -5.81
C ALA A 71 9.19 -27.77 -6.38
N LEU A 72 9.90 -27.03 -5.52
CA LEU A 72 10.86 -26.03 -6.02
C LEU A 72 12.04 -26.65 -6.76
N ASP A 73 13.25 -26.48 -6.23
CA ASP A 73 14.47 -26.59 -7.03
C ASP A 73 15.66 -27.22 -6.31
N ALA A 74 16.83 -26.61 -6.51
CA ALA A 74 18.07 -26.89 -5.76
C ALA A 74 18.88 -25.59 -5.60
N ASP A 75 18.67 -24.65 -6.53
CA ASP A 75 19.21 -23.27 -6.51
C ASP A 75 18.79 -22.57 -7.81
N ASP A 76 17.50 -22.60 -8.13
CA ASP A 76 16.97 -21.97 -9.34
C ASP A 76 17.44 -20.52 -9.46
N LEU A 77 17.98 -20.18 -10.62
CA LEU A 77 18.57 -18.85 -10.88
C LEU A 77 17.56 -17.70 -10.76
N LEU A 78 16.32 -17.92 -11.21
CA LEU A 78 15.31 -16.89 -11.10
C LEU A 78 14.98 -16.63 -9.61
N VAL A 79 14.80 -17.71 -8.86
CA VAL A 79 14.52 -17.66 -7.41
C VAL A 79 15.65 -16.92 -6.71
N ARG A 80 16.88 -17.37 -6.95
CA ARG A 80 18.08 -16.73 -6.40
C ARG A 80 18.21 -15.25 -6.78
N THR A 81 18.07 -14.92 -8.05
CA THR A 81 18.16 -13.54 -8.55
C THR A 81 17.15 -12.58 -7.90
N CYS A 82 15.92 -13.05 -7.74
CA CYS A 82 14.84 -12.28 -7.14
C CYS A 82 15.17 -11.90 -5.69
N LEU A 83 15.57 -12.90 -4.90
CA LEU A 83 15.81 -12.69 -3.47
C LEU A 83 17.06 -11.90 -3.22
N GLU A 84 18.10 -12.18 -4.02
CA GLU A 84 19.31 -11.37 -4.06
C GLU A 84 18.97 -9.89 -4.28
N ARG A 85 18.18 -9.62 -5.32
CA ARG A 85 17.92 -8.27 -5.79
C ARG A 85 16.78 -7.57 -5.06
N GLY A 86 15.94 -8.34 -4.37
CA GLY A 86 14.74 -7.79 -3.73
C GLY A 86 13.79 -7.09 -4.69
N GLU A 87 13.62 -7.69 -5.87
CA GLU A 87 12.78 -7.14 -6.95
C GLU A 87 12.19 -8.25 -7.79
N LEU A 88 11.05 -7.96 -8.43
CA LEU A 88 10.40 -8.89 -9.36
C LEU A 88 11.35 -9.23 -10.52
N VAL A 89 11.40 -10.51 -10.93
CA VAL A 89 12.21 -10.88 -12.09
C VAL A 89 11.52 -11.91 -12.98
N SER A 90 11.64 -11.74 -14.30
CA SER A 90 10.97 -12.60 -15.26
C SER A 90 11.95 -13.30 -16.20
N VAL A 91 11.54 -14.44 -16.76
CA VAL A 91 12.25 -15.05 -17.89
C VAL A 91 12.02 -14.19 -19.13
N ARG A 92 12.77 -14.44 -20.19
CA ARG A 92 12.57 -13.69 -21.44
C ARG A 92 11.41 -14.29 -22.25
N GLN A 93 10.56 -13.42 -22.78
CA GLN A 93 9.36 -13.81 -23.53
C GLN A 93 9.61 -14.94 -24.54
N GLU A 94 10.78 -14.92 -25.17
CA GLU A 94 11.13 -15.84 -26.25
C GLU A 94 11.25 -17.28 -25.78
N LEU A 95 11.48 -17.49 -24.48
CA LEU A 95 11.56 -18.84 -23.91
C LEU A 95 10.18 -19.49 -23.96
N LEU A 96 9.17 -18.70 -23.66
CA LEU A 96 7.77 -19.12 -23.72
C LEU A 96 7.30 -19.31 -25.18
N GLU A 97 7.67 -18.37 -26.06
CA GLU A 97 7.37 -18.43 -27.49
C GLU A 97 7.97 -19.68 -28.14
N ARG A 98 9.17 -20.05 -27.71
CA ARG A 98 9.84 -21.24 -28.23
C ARG A 98 9.24 -22.53 -27.63
N GLY A 99 8.55 -22.39 -26.51
CA GLY A 99 7.95 -23.53 -25.81
C GLY A 99 8.95 -24.28 -24.95
N GLU A 100 9.97 -23.56 -24.50
CA GLU A 100 11.12 -24.18 -23.84
C GLU A 100 11.00 -24.30 -22.32
N GLN A 101 9.82 -23.99 -21.77
CA GLN A 101 9.65 -23.96 -20.31
C GLN A 101 9.62 -25.35 -19.63
N ARG A 102 9.00 -26.35 -20.27
CA ARG A 102 8.91 -27.73 -19.75
C ARG A 102 10.28 -28.43 -19.73
N ALA A 103 10.95 -28.46 -20.88
CA ALA A 103 12.40 -28.72 -20.93
C ALA A 103 13.01 -27.50 -20.24
N HIS A 104 14.24 -27.57 -19.75
CA HIS A 104 14.84 -26.41 -19.07
C HIS A 104 14.16 -26.24 -17.69
N SER A 105 13.01 -26.91 -17.53
CA SER A 105 12.22 -26.92 -16.29
C SER A 105 12.23 -25.60 -15.48
N ALA A 106 11.88 -24.50 -16.14
CA ALA A 106 12.03 -23.18 -15.54
C ALA A 106 10.71 -22.59 -15.02
N LEU A 107 10.82 -21.59 -14.16
CA LEU A 107 9.67 -20.80 -13.75
C LEU A 107 9.39 -19.76 -14.83
N GLN A 108 8.41 -18.90 -14.60
CA GLN A 108 8.13 -17.78 -15.49
C GLN A 108 8.42 -16.40 -14.85
N VAL A 109 8.03 -16.20 -13.58
CA VAL A 109 8.35 -14.96 -12.83
C VAL A 109 8.41 -15.21 -11.30
N CYS A 110 9.23 -14.42 -10.61
CA CYS A 110 9.37 -14.46 -9.14
C CYS A 110 9.14 -13.07 -8.58
N VAL A 111 8.26 -12.98 -7.59
CA VAL A 111 7.93 -11.68 -7.01
C VAL A 111 8.17 -11.68 -5.49
N PRO A 112 9.06 -10.80 -5.02
CA PRO A 112 9.29 -10.77 -3.59
C PRO A 112 8.29 -9.85 -2.88
N LEU A 113 7.88 -10.22 -1.67
CA LEU A 113 7.00 -9.40 -0.84
C LEU A 113 7.85 -8.64 0.16
N VAL A 114 8.11 -7.39 -0.18
CA VAL A 114 9.05 -6.58 0.58
C VAL A 114 8.31 -5.42 1.19
N ASP A 115 8.50 -5.20 2.49
CA ASP A 115 7.85 -4.09 3.18
C ASP A 115 8.59 -2.76 2.99
N THR A 116 8.07 -1.69 3.59
CA THR A 116 8.64 -0.34 3.38
C THR A 116 10.07 -0.21 3.95
N ASP A 117 10.48 -1.15 4.82
CA ASP A 117 11.86 -1.22 5.31
C ASP A 117 12.83 -1.97 4.40
N GLY A 118 12.32 -2.63 3.37
CA GLY A 118 13.18 -3.45 2.53
C GLY A 118 13.38 -4.85 3.10
N ARG A 119 12.56 -5.19 4.08
CA ARG A 119 12.50 -6.54 4.63
C ARG A 119 11.72 -7.46 3.71
N ILE A 120 12.34 -8.57 3.28
CA ILE A 120 11.65 -9.53 2.44
C ILE A 120 10.95 -10.56 3.33
N LEU A 121 9.64 -10.67 3.17
CA LEU A 121 8.82 -11.51 4.05
C LEU A 121 8.46 -12.85 3.39
N ALA A 122 8.33 -12.82 2.07
CA ALA A 122 7.80 -13.95 1.32
C ALA A 122 8.19 -13.86 -0.14
N LEU A 123 8.13 -15.00 -0.81
CA LEU A 123 8.39 -15.06 -2.23
C LEU A 123 7.18 -15.63 -2.97
N LEU A 124 6.73 -14.94 -4.02
CA LEU A 124 5.82 -15.52 -5.01
C LEU A 124 6.64 -16.06 -6.17
N ALA A 125 6.51 -17.35 -6.41
CA ALA A 125 7.17 -18.02 -7.56
C ALA A 125 6.11 -18.51 -8.54
N VAL A 126 6.10 -17.94 -9.73
CA VAL A 126 5.05 -18.29 -10.70
C VAL A 126 5.58 -19.30 -11.72
N GLU A 127 4.94 -20.47 -11.78
CA GLU A 127 5.24 -21.48 -12.79
C GLU A 127 4.53 -21.14 -14.10
N GLN A 128 3.24 -20.84 -14.03
CA GLN A 128 2.45 -20.59 -15.23
C GLN A 128 1.51 -19.38 -15.11
N MET A 129 1.47 -18.58 -16.16
CA MET A 129 0.43 -17.58 -16.34
C MET A 129 0.19 -17.44 -17.84
N PRO A 130 -0.98 -16.92 -18.25
CA PRO A 130 -1.18 -16.85 -19.71
C PRO A 130 -0.18 -15.91 -20.39
N PHE A 131 0.21 -16.22 -21.62
CA PHE A 131 1.15 -15.35 -22.33
C PHE A 131 0.66 -13.90 -22.42
N PHE A 132 -0.66 -13.70 -22.51
CA PHE A 132 -1.21 -12.36 -22.78
C PHE A 132 -1.12 -11.42 -21.57
N VAL A 133 -0.71 -11.99 -20.43
CA VAL A 133 -0.53 -11.25 -19.19
C VAL A 133 0.96 -11.15 -18.84
N PHE A 134 1.80 -11.91 -19.55
CA PHE A 134 3.24 -11.88 -19.37
C PHE A 134 3.79 -10.59 -19.97
N ASN A 135 3.59 -9.50 -19.25
CA ASN A 135 3.93 -8.17 -19.73
C ASN A 135 4.15 -7.22 -18.56
N GLU A 136 4.54 -5.99 -18.87
CA GLU A 136 4.92 -5.03 -17.82
C GLU A 136 3.75 -4.42 -17.03
N ARG A 137 2.55 -4.39 -17.60
CA ARG A 137 1.39 -3.91 -16.86
C ARG A 137 1.09 -4.89 -15.72
N THR A 138 1.08 -6.18 -16.04
CA THR A 138 0.80 -7.18 -15.04
C THR A 138 1.91 -7.29 -13.99
N PHE A 139 3.15 -7.41 -14.45
CA PHE A 139 4.29 -7.52 -13.54
C PHE A 139 4.17 -6.37 -12.52
N SER A 140 3.87 -5.17 -13.01
CA SER A 140 3.75 -3.98 -12.14
C SER A 140 2.59 -4.07 -11.12
N LEU A 141 1.44 -4.58 -11.51
CA LEU A 141 0.40 -4.64 -10.49
C LEU A 141 0.73 -5.71 -9.43
N LEU A 142 1.47 -6.75 -9.83
CA LEU A 142 1.88 -7.76 -8.85
C LEU A 142 2.83 -7.15 -7.82
N ALA A 143 3.80 -6.37 -8.31
CA ALA A 143 4.76 -5.68 -7.44
C ALA A 143 4.06 -4.73 -6.49
N ILE A 144 3.10 -3.97 -7.01
CA ILE A 144 2.29 -3.08 -6.18
C ILE A 144 1.56 -3.87 -5.08
N LEU A 145 0.92 -4.96 -5.49
CA LEU A 145 0.13 -5.75 -4.53
C LEU A 145 1.03 -6.44 -3.51
N ALA A 146 2.17 -6.97 -3.96
CA ALA A 146 3.08 -7.71 -3.08
C ALA A 146 3.61 -6.80 -1.99
N GLY A 147 3.91 -5.55 -2.35
CA GLY A 147 4.40 -4.56 -1.38
C GLY A 147 3.38 -4.17 -0.31
N HIS A 148 2.16 -3.86 -0.73
CA HIS A 148 1.09 -3.52 0.23
C HIS A 148 0.72 -4.71 1.13
N ILE A 149 0.77 -5.92 0.59
CA ILE A 149 0.52 -7.11 1.41
C ILE A 149 1.59 -7.26 2.48
N ALA A 150 2.86 -7.17 2.07
CA ALA A 150 3.97 -7.22 2.99
C ALA A 150 3.86 -6.19 4.12
N ASP A 151 3.45 -4.96 3.77
CA ASP A 151 3.24 -3.90 4.76
C ASP A 151 2.16 -4.30 5.78
N LEU A 152 1.08 -4.91 5.30
CA LEU A 152 -0.05 -5.32 6.15
C LEU A 152 0.31 -6.46 7.08
N LEU A 153 1.17 -7.35 6.58
CA LEU A 153 1.65 -8.49 7.36
C LEU A 153 2.61 -8.02 8.45
N GLN A 154 3.34 -6.94 8.16
CA GLN A 154 4.26 -6.26 9.10
C GLN A 154 3.58 -5.92 10.44
N SER A 155 2.44 -6.56 10.70
CA SER A 155 1.56 -6.27 11.85
C SER A 155 2.09 -6.70 13.22
N ASP A 156 3.43 -6.68 13.37
CA ASP A 156 4.09 -6.87 14.65
C ASP A 156 5.12 -5.74 14.83
N ARG A 157 5.91 -5.80 15.91
CA ARG A 157 6.96 -4.81 16.22
C ARG A 157 6.50 -3.36 16.40
N ARG A 158 5.22 -3.10 16.14
CA ARG A 158 4.55 -1.88 16.63
C ARG A 158 4.01 -2.16 18.03
N ALA A 159 4.00 -3.45 18.39
CA ALA A 159 3.89 -3.90 19.79
C ALA A 159 5.28 -3.87 20.44
N LEU A 160 6.22 -3.25 19.73
CA LEU A 160 7.60 -3.12 20.17
C LEU A 160 8.13 -1.73 19.80
N GLN A 161 7.36 -0.99 18.99
CA GLN A 161 7.70 0.41 18.69
C GLN A 161 6.93 1.37 19.60
N LEU A 162 7.53 2.55 19.82
CA LEU A 162 7.09 3.50 20.83
C LEU A 162 5.99 4.46 20.36
N ALA A 163 5.89 4.69 19.06
CA ALA A 163 4.93 5.65 18.50
C ALA A 163 3.47 5.18 18.56
N ASP A 164 2.58 6.15 18.75
CA ASP A 164 1.14 5.95 18.65
C ASP A 164 0.91 5.14 17.37
N ILE A 165 0.10 4.09 17.46
CA ILE A 165 -0.18 3.22 16.30
C ILE A 165 -0.73 4.01 15.10
N ASP A 166 -1.40 5.14 15.38
CA ASP A 166 -1.98 5.99 14.34
C ASP A 166 -0.91 6.76 13.56
N ALA A 167 0.09 7.31 14.27
CA ALA A 167 1.25 7.92 13.63
C ALA A 167 2.09 6.88 12.84
N GLN A 168 2.23 5.69 13.40
CA GLN A 168 2.97 4.60 12.76
C GLN A 168 2.34 4.18 11.45
N ARG A 169 1.02 4.02 11.45
CA ARG A 169 0.26 3.63 10.25
C ARG A 169 0.32 4.70 9.14
N PHE A 170 0.14 5.97 9.51
CA PHE A 170 0.26 7.12 8.58
C PHE A 170 1.65 7.19 7.93
N SER A 171 2.69 7.06 8.74
CA SER A 171 4.05 7.08 8.25
C SER A 171 4.35 5.95 7.24
N GLN A 172 3.87 4.74 7.54
CA GLN A 172 4.13 3.60 6.68
C GLN A 172 3.34 3.77 5.38
N TYR A 173 2.05 4.14 5.53
CA TYR A 173 1.19 4.31 4.37
C TYR A 173 1.76 5.41 3.44
N LEU A 174 2.29 6.48 4.03
CA LEU A 174 2.85 7.57 3.25
C LEU A 174 4.06 7.11 2.42
N LYS A 175 5.00 6.43 3.08
CA LYS A 175 6.18 5.90 2.41
C LYS A 175 5.76 4.99 1.25
N ARG A 176 4.82 4.08 1.51
CA ARG A 176 4.29 3.19 0.47
C ARG A 176 3.62 3.95 -0.69
N SER A 177 2.82 4.98 -0.39
CA SER A 177 2.24 5.83 -1.42
C SER A 177 3.34 6.52 -2.27
N LEU A 178 4.42 6.95 -1.61
CA LEU A 178 5.56 7.53 -2.30
C LEU A 178 6.21 6.54 -3.28
N LEU A 179 6.37 5.30 -2.83
CA LEU A 179 6.88 4.23 -3.69
C LEU A 179 5.92 3.88 -4.83
N ASP A 180 4.63 3.82 -4.53
CA ASP A 180 3.61 3.57 -5.56
C ASP A 180 3.68 4.61 -6.65
N ALA A 181 3.81 5.88 -6.25
CA ALA A 181 3.97 6.99 -7.20
C ALA A 181 5.30 6.96 -7.97
N ARG A 182 6.42 6.88 -7.24
CA ARG A 182 7.75 6.92 -7.85
C ARG A 182 8.01 5.73 -8.78
N ASP A 183 7.66 4.54 -8.31
CA ASP A 183 8.01 3.32 -9.03
C ASP A 183 6.96 2.89 -10.05
N HIS A 184 5.70 3.24 -9.82
CA HIS A 184 4.62 2.78 -10.72
C HIS A 184 3.65 3.85 -11.21
N GLY A 185 3.89 5.10 -10.85
CA GLY A 185 2.96 6.18 -11.21
C GLY A 185 1.53 6.07 -10.69
N LEU A 186 1.32 5.33 -9.59
CA LEU A 186 -0.03 5.24 -9.01
C LEU A 186 -0.36 6.46 -8.17
N PRO A 187 -1.60 6.95 -8.26
CA PRO A 187 -1.83 8.23 -7.61
C PRO A 187 -2.16 8.06 -6.13
N ALA A 188 -1.91 9.11 -5.34
CA ALA A 188 -2.47 9.21 -3.98
C ALA A 188 -2.66 10.70 -3.75
N CYS A 189 -3.40 11.05 -2.69
CA CYS A 189 -3.65 12.45 -2.37
C CYS A 189 -3.54 12.75 -0.88
N LEU A 190 -2.85 13.86 -0.56
CA LEU A 190 -2.77 14.36 0.81
C LEU A 190 -3.60 15.62 0.91
N TYR A 191 -4.51 15.65 1.87
CA TYR A 191 -5.23 16.86 2.23
C TYR A 191 -4.77 17.30 3.60
N ALA A 192 -4.47 18.60 3.74
CA ALA A 192 -4.27 19.21 5.05
C ALA A 192 -5.40 20.20 5.39
N PHE A 193 -6.06 19.99 6.53
CA PHE A 193 -7.11 20.90 6.98
C PHE A 193 -6.60 21.72 8.16
N GLU A 194 -6.37 23.02 7.96
CA GLU A 194 -5.91 23.90 9.02
C GLU A 194 -7.13 24.62 9.60
N LEU A 195 -7.27 24.55 10.92
CA LEU A 195 -8.45 25.06 11.61
C LEU A 195 -8.09 26.42 12.23
N THR A 196 -8.55 27.50 11.60
CA THR A 196 -8.06 28.86 11.93
C THR A 196 -8.98 29.55 12.95
N ASP A 197 -10.16 28.98 13.19
CA ASP A 197 -11.13 29.58 14.10
C ASP A 197 -11.26 28.68 15.33
N ALA A 198 -10.73 29.17 16.45
CA ALA A 198 -10.69 28.40 17.70
C ALA A 198 -12.07 28.13 18.33
N ARG A 199 -13.11 28.83 17.86
CA ARG A 199 -14.47 28.58 18.34
C ARG A 199 -14.99 27.25 17.82
N TYR A 200 -14.72 26.97 16.54
CA TYR A 200 -15.21 25.77 15.88
C TYR A 200 -14.19 24.64 15.82
N GLY A 201 -12.94 24.92 16.23
CA GLY A 201 -11.81 24.00 16.03
C GLY A 201 -12.08 22.59 16.57
N GLU A 202 -12.59 22.53 17.78
CA GLU A 202 -12.86 21.27 18.44
C GLU A 202 -13.84 20.35 17.69
N GLU A 203 -15.01 20.89 17.38
CA GLU A 203 -16.09 20.14 16.69
C GLU A 203 -15.79 19.82 15.22
N VAL A 204 -15.07 20.72 14.56
CA VAL A 204 -14.63 20.42 13.19
C VAL A 204 -13.66 19.24 13.18
N GLN A 205 -12.66 19.28 14.07
CA GLN A 205 -11.72 18.17 14.17
C GLN A 205 -12.43 16.85 14.50
N ARG A 206 -13.40 16.88 15.42
CA ARG A 206 -14.19 15.69 15.73
C ARG A 206 -14.93 15.15 14.52
N LEU A 207 -15.52 16.05 13.74
CA LEU A 207 -16.22 15.62 12.53
C LEU A 207 -15.26 14.97 11.51
N LEU A 208 -14.13 15.65 11.31
CA LEU A 208 -13.08 15.15 10.42
C LEU A 208 -12.54 13.78 10.83
N GLU A 209 -12.23 13.64 12.12
CA GLU A 209 -11.72 12.36 12.64
C GLU A 209 -12.75 11.25 12.48
N GLY A 210 -14.01 11.57 12.78
CA GLY A 210 -15.11 10.65 12.59
C GLY A 210 -15.39 10.21 11.15
N SER A 211 -14.96 11.01 10.17
CA SER A 211 -15.15 10.70 8.73
C SER A 211 -14.21 9.62 8.16
N GLN A 212 -13.15 9.29 8.89
CA GLN A 212 -12.16 8.32 8.45
C GLN A 212 -12.84 7.00 8.04
N ARG A 213 -12.50 6.51 6.86
CA ARG A 213 -13.07 5.28 6.29
C ARG A 213 -12.02 4.55 5.43
N GLY A 214 -12.15 3.23 5.28
CA GLY A 214 -11.19 2.39 4.51
C GLY A 214 -9.82 2.87 4.00
N LEU A 215 -8.76 2.65 4.74
CA LEU A 215 -7.38 2.96 4.20
C LEU A 215 -6.96 4.42 4.31
N ASP A 216 -7.92 5.34 4.38
CA ASP A 216 -7.54 6.73 4.69
C ASP A 216 -6.88 6.73 6.06
N VAL A 217 -5.77 7.47 6.19
CA VAL A 217 -5.08 7.58 7.50
C VAL A 217 -4.88 9.05 7.87
N GLN A 218 -4.94 9.35 9.17
CA GLN A 218 -4.90 10.74 9.61
C GLN A 218 -3.81 10.98 10.63
N LEU A 219 -3.38 12.24 10.74
CA LEU A 219 -2.44 12.65 11.77
C LEU A 219 -2.88 14.01 12.28
N ARG A 220 -3.04 14.12 13.60
CA ARG A 220 -3.44 15.36 14.28
C ARG A 220 -2.20 16.11 14.70
N LEU A 221 -2.10 17.38 14.32
CA LEU A 221 -0.88 18.17 14.56
C LEU A 221 -1.14 19.64 14.90
N ARG A 222 -0.14 20.30 15.49
CA ARG A 222 -0.14 21.77 15.56
C ARG A 222 0.95 22.31 14.65
N ASN A 223 0.62 23.33 13.85
CA ASN A 223 1.62 23.97 13.01
C ASN A 223 2.32 25.14 13.71
N ASP A 224 3.30 25.75 13.04
CA ASP A 224 4.10 26.84 13.63
C ASP A 224 3.32 28.14 13.85
N GLU A 225 2.05 28.15 13.47
CA GLU A 225 1.20 29.33 13.68
C GLU A 225 0.19 29.19 14.83
N GLY A 226 0.28 28.07 15.56
CA GLY A 226 -0.58 27.84 16.72
C GLY A 226 -1.83 27.01 16.44
N ARG A 227 -1.96 26.56 15.19
CA ARG A 227 -3.26 26.09 14.73
C ARG A 227 -3.28 24.58 14.55
N ARG A 228 -4.43 23.97 14.88
CA ARG A 228 -4.64 22.54 14.65
C ARG A 228 -4.57 22.31 13.15
N VAL A 229 -3.90 21.23 12.76
CA VAL A 229 -3.96 20.74 11.37
C VAL A 229 -4.25 19.24 11.41
N LEU A 230 -5.22 18.83 10.61
CA LEU A 230 -5.49 17.42 10.41
C LEU A 230 -5.05 17.05 9.01
N LEU A 231 -4.02 16.21 8.92
CA LEU A 231 -3.49 15.70 7.65
C LEU A 231 -4.17 14.38 7.33
N VAL A 232 -4.65 14.24 6.10
CA VAL A 232 -5.32 13.05 5.68
C VAL A 232 -4.64 12.54 4.40
N LEU A 233 -4.16 11.29 4.45
CA LEU A 233 -3.66 10.63 3.23
C LEU A 233 -4.69 9.65 2.65
N LEU A 234 -4.90 9.75 1.34
CA LEU A 234 -5.78 8.85 0.59
C LEU A 234 -4.89 7.98 -0.30
N PRO A 235 -4.46 6.82 0.23
CA PRO A 235 -3.63 5.94 -0.65
C PRO A 235 -4.41 5.41 -1.85
N LEU A 236 -3.70 5.13 -2.94
CA LEU A 236 -4.26 4.42 -4.10
C LEU A 236 -5.54 5.08 -4.58
N THR A 237 -5.49 6.40 -4.69
CA THR A 237 -6.69 7.13 -5.03
C THR A 237 -6.43 8.07 -6.19
N SER A 238 -7.24 7.94 -7.24
CA SER A 238 -7.15 8.81 -8.41
C SER A 238 -7.72 10.17 -8.08
N ALA A 239 -7.56 11.10 -9.02
CA ALA A 239 -8.12 12.45 -8.94
C ALA A 239 -9.65 12.42 -8.81
N GLU A 240 -10.32 11.56 -9.56
CA GLU A 240 -11.78 11.45 -9.37
C GLU A 240 -12.15 11.02 -7.93
N GLY A 241 -11.39 10.09 -7.35
CA GLY A 241 -11.60 9.63 -5.97
C GLY A 241 -11.31 10.68 -4.89
N SER A 242 -10.22 11.42 -5.07
CA SER A 242 -9.86 12.38 -4.02
C SER A 242 -10.74 13.62 -4.12
N GLN A 243 -11.21 13.96 -5.33
CA GLN A 243 -12.20 15.07 -5.45
C GLN A 243 -13.56 14.65 -4.86
N GLY A 244 -13.99 13.41 -5.13
CA GLY A 244 -15.18 12.80 -4.52
C GLY A 244 -15.13 12.71 -2.99
N TYR A 245 -13.94 12.45 -2.47
CA TYR A 245 -13.71 12.45 -1.03
C TYR A 245 -14.16 13.80 -0.39
N LEU A 246 -13.72 14.92 -0.95
CA LEU A 246 -14.07 16.23 -0.42
C LEU A 246 -15.55 16.59 -0.61
N GLN A 247 -16.13 16.10 -1.70
CA GLN A 247 -17.58 16.27 -1.95
C GLN A 247 -18.37 15.56 -0.84
N ARG A 248 -18.06 14.30 -0.54
CA ARG A 248 -18.65 13.60 0.61
C ARG A 248 -18.44 14.37 1.93
N LEU A 249 -17.23 14.89 2.13
CA LEU A 249 -16.89 15.62 3.34
C LEU A 249 -17.77 16.89 3.48
N ARG A 250 -17.98 17.59 2.36
CA ARG A 250 -18.81 18.81 2.39
C ARG A 250 -20.27 18.50 2.77
N ILE A 251 -20.77 17.38 2.27
CA ILE A 251 -22.11 16.88 2.61
C ILE A 251 -22.20 16.57 4.11
N LEU A 252 -21.17 15.92 4.63
CA LEU A 252 -21.07 15.63 6.06
C LEU A 252 -21.05 16.92 6.91
N PHE A 253 -20.24 17.89 6.51
CA PHE A 253 -20.23 19.19 7.18
C PHE A 253 -21.58 19.90 7.15
N ALA A 254 -22.30 19.79 6.02
CA ALA A 254 -23.64 20.37 5.85
C ALA A 254 -24.68 19.73 6.78
N GLU A 255 -24.61 18.41 6.93
CA GLU A 255 -25.44 17.73 7.94
C GLU A 255 -25.16 18.26 9.34
N ARG A 256 -23.88 18.32 9.71
CA ARG A 256 -23.48 18.65 11.06
C ARG A 256 -23.72 20.13 11.42
N PHE A 257 -23.34 21.02 10.51
CA PHE A 257 -23.37 22.47 10.73
C PHE A 257 -24.38 23.11 9.76
N GLY A 258 -24.42 24.42 9.65
CA GLY A 258 -25.23 24.99 8.54
C GLY A 258 -25.26 24.22 7.20
N GLN A 259 -26.47 24.05 6.64
CA GLN A 259 -26.57 23.84 5.20
C GLN A 259 -26.30 25.21 4.56
N ALA A 260 -26.43 26.25 5.38
CA ALA A 260 -26.15 27.64 4.98
C ALA A 260 -24.72 28.09 5.34
N ARG A 261 -23.85 27.12 5.61
CA ARG A 261 -22.43 27.38 5.84
C ARG A 261 -21.60 26.49 4.92
N GLU A 262 -20.48 27.00 4.43
CA GLU A 262 -19.47 26.16 3.79
C GLU A 262 -18.39 25.87 4.81
N LEU A 263 -17.69 24.74 4.63
CA LEU A 263 -16.54 24.36 5.47
C LEU A 263 -15.64 25.54 5.85
N GLU A 264 -15.36 26.38 4.85
CA GLU A 264 -14.41 27.47 5.03
C GLU A 264 -14.92 28.54 5.99
N SER A 265 -16.24 28.67 6.08
CA SER A 265 -16.87 29.62 7.01
C SER A 265 -16.67 29.21 8.48
N LEU A 266 -16.27 27.96 8.70
CA LEU A 266 -15.93 27.48 10.04
C LEU A 266 -14.45 27.66 10.39
N GLY A 267 -13.72 28.42 9.57
CA GLY A 267 -12.27 28.62 9.74
C GLY A 267 -11.42 27.47 9.19
N VAL A 268 -11.95 26.72 8.24
CA VAL A 268 -11.15 25.65 7.62
C VAL A 268 -10.42 26.16 6.34
N ARG A 269 -9.10 26.07 6.36
CA ARG A 269 -8.25 26.33 5.20
C ARG A 269 -7.83 24.97 4.64
N ILE A 270 -8.17 24.73 3.38
CA ILE A 270 -7.87 23.45 2.73
C ILE A 270 -6.64 23.55 1.85
N ARG A 271 -5.72 22.61 2.04
CA ARG A 271 -4.55 22.52 1.15
C ARG A 271 -4.41 21.07 0.66
N GLN A 272 -4.07 20.92 -0.61
CA GLN A 272 -4.08 19.59 -1.22
C GLN A 272 -2.79 19.35 -2.00
N TYR A 273 -2.33 18.10 -1.95
CA TYR A 273 -1.14 17.71 -2.66
C TYR A 273 -1.28 16.31 -3.28
N GLU A 274 -1.34 16.30 -4.61
CA GLU A 274 -1.36 15.06 -5.39
C GLU A 274 0.06 14.50 -5.57
N LEU A 275 0.24 13.26 -5.12
CA LEU A 275 1.53 12.55 -5.25
C LEU A 275 1.69 12.13 -6.69
N ASP A 276 2.91 12.23 -7.20
CA ASP A 276 3.15 12.03 -8.63
C ASP A 276 4.48 11.34 -8.89
N ALA A 277 4.80 11.14 -10.17
CA ALA A 277 6.10 10.66 -10.60
C ALA A 277 6.90 11.84 -11.16
N GLY A 278 6.25 12.64 -12.01
CA GLY A 278 6.84 13.83 -12.61
C GLY A 278 6.99 14.99 -11.64
N ASN A 279 6.42 14.81 -10.44
CA ASN A 279 6.56 15.74 -9.32
C ASN A 279 7.99 16.09 -8.96
N ASP A 280 8.15 17.18 -8.23
CA ASP A 280 9.45 17.50 -7.66
C ASP A 280 9.66 16.66 -6.39
N ARG A 281 10.89 16.14 -6.24
CA ARG A 281 11.24 15.28 -5.11
C ARG A 281 11.40 16.08 -3.80
N GLN A 282 11.44 17.41 -3.92
CA GLN A 282 11.47 18.31 -2.78
C GLN A 282 10.16 19.08 -2.56
N ALA A 283 9.20 18.91 -3.47
CA ALA A 283 7.94 19.69 -3.49
C ALA A 283 6.93 19.27 -2.40
N LEU A 284 7.05 18.03 -1.97
CA LEU A 284 6.26 17.53 -0.86
C LEU A 284 6.71 18.22 0.43
N GLY A 285 8.01 18.46 0.54
CA GLY A 285 8.56 19.20 1.66
C GLY A 285 7.99 20.61 1.77
N HIS A 286 7.89 21.31 0.64
CA HIS A 286 7.35 22.67 0.63
C HIS A 286 5.88 22.69 1.06
N PHE A 287 5.14 21.69 0.58
CA PHE A 287 3.77 21.52 1.00
C PHE A 287 3.73 21.34 2.52
N LEU A 288 4.33 20.26 3.02
CA LEU A 288 4.25 19.89 4.42
C LEU A 288 4.86 20.91 5.38
N PHE A 289 6.13 21.29 5.13
CA PHE A 289 6.83 22.29 5.94
C PHE A 289 6.94 23.54 5.10
N ASN A 290 6.45 24.66 5.63
CA ASN A 290 6.25 25.90 4.86
C ASN A 290 4.77 26.19 4.62
N GLU A 291 4.18 25.52 3.62
CA GLU A 291 2.80 25.78 3.26
C GLU A 291 1.92 25.37 4.42
N CYS A 292 2.10 24.15 4.92
CA CYS A 292 1.32 23.69 6.05
C CYS A 292 1.86 24.18 7.40
N GLY A 293 3.10 24.67 7.40
CA GLY A 293 3.78 25.11 8.60
C GLY A 293 4.10 23.98 9.57
N LEU A 294 4.33 22.78 9.05
CA LEU A 294 4.73 21.64 9.88
C LEU A 294 6.26 21.52 9.93
N ASN A 295 6.78 20.44 10.51
CA ASN A 295 8.24 20.17 10.53
C ASN A 295 8.56 18.67 10.44
N ASP A 296 9.82 18.36 10.14
CA ASP A 296 10.27 16.97 9.91
C ASP A 296 10.32 16.07 11.17
N GLN A 297 9.93 16.64 12.32
CA GLN A 297 9.78 15.88 13.56
C GLN A 297 8.36 15.32 13.67
N GLN A 298 7.42 15.96 12.97
CA GLN A 298 6.03 15.56 13.01
C GLN A 298 5.68 14.66 11.82
N VAL A 299 6.35 14.88 10.69
CA VAL A 299 6.15 14.05 9.48
C VAL A 299 7.52 13.63 8.92
N ALA A 300 7.77 12.32 8.86
CA ALA A 300 9.02 11.77 8.30
C ALA A 300 8.80 10.49 7.48
#